data_6PXF
#
_entry.id   6PXF
#
_cell.length_a   31.669
_cell.length_b   67.680
_cell.length_c   92.249
_cell.angle_alpha   90.000
_cell.angle_beta   90.000
_cell.angle_gamma   90.000
#
_symmetry.space_group_name_H-M   'P 21 21 21'
#
loop_
_entity.id
_entity.type
_entity.pdbx_description
1 polymer 'Cathepsin K'
2 non-polymer '1,6,6-trimethyl-10,11-dioxo-6,7,8,9,10,11-hexahydrophenanthro[1,2-b]furan-2-sulfonic acid'
3 water water
#
_entity_poly.entity_id   1
_entity_poly.type   'polypeptide(L)'
_entity_poly.pdbx_seq_one_letter_code
;APDSVDYRKKGYVTPVKNQGQCGSCWAFSSVGALEGQLKKKTGKLLNLAPQNLVDCVSENDGCGGGYMTNAFQYVQKNRG
IDSEDAYPYVGQEESCMYNPTGKAAKCRGYREIPEGNEKALKRAVARVGPVSVAIDASLTSFQFYSKGVYYDESCNSDNL
NHAVLAVGYGIQKGNKHWIIKNSWGENWGNKGYILMARNKNNACGIANLASFPKM
;
_entity_poly.pdbx_strand_id   A
#
# COMPACT_ATOMS: atom_id res chain seq x y z
N ALA A 1 -1.13 8.02 20.87
CA ALA A 1 -0.61 6.90 20.09
C ALA A 1 0.51 6.16 20.84
N PRO A 2 0.71 4.86 20.55
CA PRO A 2 1.92 4.18 21.05
C PRO A 2 3.15 4.66 20.29
N ASP A 3 4.35 4.32 20.78
CA ASP A 3 5.60 4.79 20.18
C ASP A 3 6.02 3.91 19.02
N SER A 4 5.38 2.77 18.91
CA SER A 4 5.64 1.87 17.86
C SER A 4 4.43 0.97 17.58
N VAL A 5 4.20 0.63 16.34
CA VAL A 5 3.09 -0.23 15.91
C VAL A 5 3.61 -1.05 14.73
N ASP A 6 3.28 -2.32 14.68
CA ASP A 6 3.67 -3.14 13.54
C ASP A 6 2.57 -4.17 13.26
N TYR A 7 1.75 -3.88 12.26
CA TYR A 7 0.62 -4.76 11.92
C TYR A 7 1.00 -6.12 11.41
N ARG A 8 2.22 -6.27 11.00
CA ARG A 8 2.63 -7.54 10.50
C ARG A 8 2.55 -8.61 11.62
N LYS A 9 2.78 -8.17 12.85
CA LYS A 9 2.85 -9.03 14.03
C LYS A 9 1.47 -9.31 14.51
N LYS A 10 0.50 -8.55 14.00
CA LYS A 10 -0.89 -8.69 14.46
C LYS A 10 -1.76 -9.48 13.50
N GLY A 11 -1.15 -10.02 12.46
CA GLY A 11 -1.91 -10.80 11.48
C GLY A 11 -2.80 -9.94 10.58
N TYR A 12 -2.41 -8.68 10.35
CA TYR A 12 -3.19 -7.81 9.46
C TYR A 12 -2.57 -7.75 8.09
N VAL A 13 -1.39 -8.34 7.91
CA VAL A 13 -0.66 -8.16 6.66
C VAL A 13 -0.39 -9.51 5.96
N THR A 14 -0.76 -9.61 4.69
CA THR A 14 -0.51 -10.82 3.92
C THR A 14 0.92 -10.83 3.44
N PRO A 15 1.38 -11.97 2.92
CA PRO A 15 2.76 -12.02 2.45
C PRO A 15 3.04 -11.04 1.30
N VAL A 16 4.33 -10.74 1.16
CA VAL A 16 4.80 -9.86 0.10
C VAL A 16 4.56 -10.46 -1.28
N LYS A 17 4.02 -9.65 -2.20
CA LYS A 17 3.75 -10.12 -3.55
C LYS A 17 4.74 -9.52 -4.54
N ASN A 18 4.66 -9.95 -5.80
CA ASN A 18 5.54 -9.42 -6.85
C ASN A 18 4.72 -8.85 -7.99
N GLN A 19 4.92 -7.58 -8.33
CA GLN A 19 4.18 -7.03 -9.48
C GLN A 19 4.69 -7.43 -10.85
N GLY A 20 5.87 -8.02 -10.91
CA GLY A 20 6.45 -8.40 -12.20
C GLY A 20 7.02 -7.16 -12.86
N GLN A 21 6.57 -6.87 -14.08
CA GLN A 21 7.02 -5.69 -14.82
C GLN A 21 5.94 -4.62 -14.84
N CYS A 22 4.72 -5.04 -14.49
CA CYS A 22 3.55 -4.17 -14.56
C CYS A 22 3.60 -3.04 -13.50
N GLY A 23 3.31 -1.79 -13.88
CA GLY A 23 3.26 -0.68 -12.94
C GLY A 23 1.94 -0.66 -12.18
N SER A 24 1.69 -1.75 -11.49
CA SER A 24 0.44 -1.96 -10.77
C SER A 24 0.63 -1.74 -9.26
N CYS A 25 1.69 -1.04 -8.86
CA CYS A 25 1.97 -0.85 -7.43
C CYS A 25 0.75 -0.24 -6.70
N TRP A 26 0.07 0.68 -7.36
CA TRP A 26 -1.13 1.29 -6.76
C TRP A 26 -2.20 0.25 -6.43
N ALA A 27 -2.27 -0.82 -7.23
CA ALA A 27 -3.26 -1.88 -7.00
C ALA A 27 -2.82 -2.76 -5.83
N PHE A 28 -1.53 -3.06 -5.72
CA PHE A 28 -1.06 -3.79 -4.53
C PHE A 28 -1.21 -3.00 -3.26
N SER A 29 -0.89 -1.71 -3.34
CA SER A 29 -1.05 -0.83 -2.19
C SER A 29 -2.52 -0.79 -1.73
N SER A 30 -3.42 -0.62 -2.70
CA SER A 30 -4.86 -0.56 -2.39
C SER A 30 -5.30 -1.87 -1.76
N VAL A 31 -4.87 -2.98 -2.36
CA VAL A 31 -5.30 -4.29 -1.88
C VAL A 31 -4.76 -4.50 -0.46
N GLY A 32 -3.52 -4.08 -0.19
CA GLY A 32 -3.00 -4.27 1.15
C GLY A 32 -3.79 -3.49 2.19
N ALA A 33 -4.17 -2.26 1.84
CA ALA A 33 -4.97 -1.49 2.81
C ALA A 33 -6.36 -2.12 3.02
N LEU A 34 -6.96 -2.59 1.92
CA LEU A 34 -8.25 -3.31 2.02
C LEU A 34 -8.13 -4.59 2.86
N GLU A 35 -7.05 -5.34 2.68
CA GLU A 35 -6.82 -6.59 3.42
C GLU A 35 -6.73 -6.29 4.91
N GLY A 36 -6.05 -5.20 5.26
CA GLY A 36 -5.97 -4.79 6.67
C GLY A 36 -7.34 -4.47 7.24
N GLN A 37 -8.15 -3.70 6.49
CA GLN A 37 -9.49 -3.39 6.99
C GLN A 37 -10.41 -4.61 7.04
N LEU A 38 -10.22 -5.55 6.12
CA LEU A 38 -11.07 -6.74 6.11
C LEU A 38 -10.76 -7.53 7.39
N LYS A 39 -9.48 -7.58 7.77
CA LYS A 39 -9.11 -8.31 8.99
C LYS A 39 -9.68 -7.61 10.21
N LYS A 40 -9.53 -6.29 10.28
CA LYS A 40 -10.09 -5.55 11.38
C LYS A 40 -11.63 -5.68 11.49
N LYS A 41 -12.35 -5.65 10.41
CA LYS A 41 -13.79 -5.73 10.51
C LYS A 41 -14.40 -7.12 10.59
N THR A 42 -13.73 -8.13 10.09
CA THR A 42 -14.32 -9.48 10.05
C THR A 42 -13.47 -10.55 10.71
N GLY A 43 -12.20 -10.26 10.99
CA GLY A 43 -11.29 -11.24 11.59
C GLY A 43 -10.65 -12.18 10.59
N LYS A 44 -10.96 -12.01 9.31
CA LYS A 44 -10.39 -12.84 8.25
C LYS A 44 -9.25 -12.11 7.54
N LEU A 45 -8.14 -12.80 7.34
CA LEU A 45 -7.05 -12.27 6.50
C LEU A 45 -6.96 -13.09 5.23
N LEU A 46 -7.19 -12.47 4.08
CA LEU A 46 -7.12 -13.19 2.81
C LEU A 46 -6.52 -12.34 1.70
N ASN A 47 -5.89 -12.98 0.72
CA ASN A 47 -5.29 -12.20 -0.36
C ASN A 47 -6.40 -11.68 -1.23
N LEU A 48 -6.48 -10.36 -1.44
CA LEU A 48 -7.43 -9.78 -2.40
C LEU A 48 -6.74 -9.57 -3.75
N ALA A 49 -7.53 -9.30 -4.79
CA ALA A 49 -6.99 -9.37 -6.16
C ALA A 49 -6.57 -8.03 -6.76
N PRO A 50 -5.25 -7.76 -6.80
CA PRO A 50 -4.85 -6.54 -7.48
C PRO A 50 -5.20 -6.59 -8.98
N GLN A 51 -5.28 -7.78 -9.58
CA GLN A 51 -5.59 -7.84 -11.03
C GLN A 51 -7.01 -7.31 -11.33
N ASN A 52 -7.90 -7.42 -10.38
CA ASN A 52 -9.26 -6.94 -10.47
C ASN A 52 -9.19 -5.44 -10.61
N LEU A 53 -8.31 -4.83 -9.84
CA LEU A 53 -8.16 -3.37 -9.89
C LEU A 53 -7.46 -2.93 -11.18
N VAL A 54 -6.37 -3.59 -11.54
CA VAL A 54 -5.66 -3.24 -12.79
C VAL A 54 -6.61 -3.27 -13.98
N ASP A 55 -7.39 -4.35 -14.07
CA ASP A 55 -8.29 -4.52 -15.21
C ASP A 55 -9.54 -3.63 -15.19
N CYS A 56 -10.06 -3.35 -13.99
CA CYS A 56 -11.41 -2.79 -13.90
C CYS A 56 -11.51 -1.35 -13.46
N VAL A 57 -10.46 -0.81 -12.84
CA VAL A 57 -10.50 0.64 -12.48
C VAL A 57 -10.27 1.49 -13.75
N SER A 58 -11.36 1.86 -14.41
CA SER A 58 -11.28 2.24 -15.83
C SER A 58 -10.56 3.58 -16.05
N GLU A 59 -10.58 4.44 -15.06
CA GLU A 59 -9.89 5.70 -15.22
C GLU A 59 -8.43 5.71 -14.72
N ASN A 60 -8.02 4.67 -13.98
CA ASN A 60 -6.60 4.49 -13.75
C ASN A 60 -6.02 3.92 -15.03
N ASP A 61 -4.71 3.75 -15.09
CA ASP A 61 -4.07 3.35 -16.33
C ASP A 61 -3.45 1.96 -16.33
N GLY A 62 -4.06 1.03 -15.59
CA GLY A 62 -3.61 -0.35 -15.62
C GLY A 62 -2.15 -0.52 -15.18
N CYS A 63 -1.33 -1.08 -16.07
CA CYS A 63 0.10 -1.22 -15.79
C CYS A 63 0.87 0.09 -15.97
N GLY A 64 0.17 1.15 -16.38
CA GLY A 64 0.76 2.47 -16.50
C GLY A 64 0.67 3.36 -15.27
N GLY A 65 -0.04 2.91 -14.24
CA GLY A 65 -0.10 3.66 -13.00
C GLY A 65 -1.54 3.93 -12.64
N GLY A 66 -1.77 4.53 -11.47
CA GLY A 66 -3.13 4.78 -11.03
C GLY A 66 -3.13 5.34 -9.63
N TYR A 67 -4.27 5.86 -9.18
CA TYR A 67 -4.42 6.38 -7.82
C TYR A 67 -5.11 5.35 -6.95
N MET A 68 -4.65 5.21 -5.71
CA MET A 68 -5.30 4.31 -4.77
C MET A 68 -6.71 4.75 -4.45
N THR A 69 -6.92 6.06 -4.36
CA THR A 69 -8.24 6.59 -4.10
C THR A 69 -9.24 6.10 -5.16
N ASN A 70 -8.85 6.16 -6.43
CA ASN A 70 -9.76 5.67 -7.48
C ASN A 70 -10.02 4.18 -7.33
N ALA A 71 -9.03 3.44 -6.85
CA ALA A 71 -9.25 2.00 -6.64
C ALA A 71 -10.28 1.77 -5.54
N PHE A 72 -10.14 2.51 -4.42
CA PHE A 72 -11.12 2.35 -3.32
C PHE A 72 -12.50 2.76 -3.81
N GLN A 73 -12.57 3.85 -4.56
CA GLN A 73 -13.86 4.25 -5.10
C GLN A 73 -14.44 3.19 -6.00
N TYR A 74 -13.61 2.56 -6.84
CA TYR A 74 -14.11 1.46 -7.67
C TYR A 74 -14.67 0.34 -6.82
N VAL A 75 -13.94 -0.08 -5.80
CA VAL A 75 -14.41 -1.20 -5.00
C VAL A 75 -15.76 -0.84 -4.33
N GLN A 76 -15.86 0.39 -3.84
CA GLN A 76 -17.10 0.87 -3.23
C GLN A 76 -18.26 0.84 -4.24
N LYS A 77 -18.06 1.44 -5.40
CA LYS A 77 -19.15 1.57 -6.39
C LYS A 77 -19.51 0.23 -7.00
N ASN A 78 -18.52 -0.65 -7.12
CA ASN A 78 -18.71 -1.99 -7.68
C ASN A 78 -19.36 -2.94 -6.66
N ARG A 79 -19.46 -2.46 -5.43
CA ARG A 79 -19.80 -3.29 -4.27
C ARG A 79 -18.98 -4.57 -4.16
N GLY A 80 -17.70 -4.49 -4.46
CA GLY A 80 -16.88 -5.63 -4.14
C GLY A 80 -15.57 -5.68 -4.88
N ILE A 81 -14.65 -6.44 -4.28
CA ILE A 81 -13.43 -6.84 -4.96
C ILE A 81 -13.26 -8.33 -4.80
N ASP A 82 -12.71 -8.97 -5.79
CA ASP A 82 -12.50 -10.39 -5.76
C ASP A 82 -11.29 -10.82 -4.90
N SER A 83 -11.29 -12.08 -4.49
CA SER A 83 -10.10 -12.62 -3.82
C SER A 83 -9.07 -12.89 -4.91
N GLU A 84 -7.80 -12.96 -4.53
CA GLU A 84 -6.75 -13.36 -5.44
C GLU A 84 -7.09 -14.71 -6.06
N ASP A 85 -7.55 -15.66 -5.25
CA ASP A 85 -7.91 -17.00 -5.76
C ASP A 85 -8.94 -16.95 -6.90
N ALA A 86 -9.91 -16.05 -6.78
CA ALA A 86 -10.95 -15.88 -7.81
C ALA A 86 -10.56 -15.02 -9.02
N TYR A 87 -9.45 -14.28 -8.95
CA TYR A 87 -9.09 -13.36 -10.03
C TYR A 87 -7.60 -13.18 -9.93
N PRO A 88 -6.84 -14.16 -10.41
CA PRO A 88 -5.40 -14.18 -10.09
C PRO A 88 -4.63 -13.14 -10.86
N TYR A 89 -3.51 -12.74 -10.27
CA TYR A 89 -2.70 -11.68 -10.85
C TYR A 89 -1.80 -12.29 -11.89
N VAL A 90 -1.74 -11.67 -13.05
CA VAL A 90 -0.96 -12.20 -14.16
C VAL A 90 0.08 -11.21 -14.65
N GLY A 91 0.05 -10.00 -14.12
CA GLY A 91 1.16 -9.08 -14.38
C GLY A 91 1.09 -8.40 -15.73
N GLN A 92 -0.09 -8.41 -16.35
CA GLN A 92 -0.36 -7.62 -17.55
C GLN A 92 -1.81 -7.17 -17.44
N GLU A 93 -2.20 -6.15 -18.19
CA GLU A 93 -3.62 -5.77 -18.19
C GLU A 93 -4.46 -6.71 -19.08
N GLU A 94 -5.66 -7.05 -18.61
CA GLU A 94 -6.62 -7.86 -19.36
C GLU A 94 -7.93 -7.09 -19.38
N SER A 95 -8.92 -7.57 -20.09
CA SER A 95 -10.23 -6.94 -20.03
C SER A 95 -10.77 -7.26 -18.64
N CYS A 96 -11.73 -6.47 -18.16
CA CYS A 96 -12.27 -6.66 -16.81
C CYS A 96 -13.04 -7.98 -16.71
N MET A 97 -12.64 -8.85 -15.78
CA MET A 97 -13.32 -10.11 -15.56
C MET A 97 -13.82 -10.23 -14.11
N TYR A 98 -14.21 -9.10 -13.54
CA TYR A 98 -14.75 -9.11 -12.19
C TYR A 98 -15.93 -10.08 -12.11
N ASN A 99 -15.92 -10.94 -11.10
CA ASN A 99 -16.99 -11.91 -10.94
C ASN A 99 -17.51 -11.79 -9.52
N PRO A 100 -18.78 -11.38 -9.37
CA PRO A 100 -19.32 -11.20 -8.00
C PRO A 100 -19.28 -12.44 -7.14
N THR A 101 -19.27 -13.63 -7.72
CA THR A 101 -19.26 -14.82 -6.85
C THR A 101 -17.90 -14.98 -6.16
N GLY A 102 -16.88 -14.28 -6.64
CA GLY A 102 -15.55 -14.34 -6.03
C GLY A 102 -15.26 -13.20 -5.06
N LYS A 103 -16.29 -12.39 -4.79
CA LYS A 103 -16.20 -11.20 -3.94
C LYS A 103 -15.66 -11.52 -2.56
N ALA A 104 -14.67 -10.78 -2.10
CA ALA A 104 -14.11 -11.12 -0.78
C ALA A 104 -14.05 -9.94 0.20
N ALA A 105 -14.25 -8.73 -0.31
CA ALA A 105 -14.24 -7.56 0.53
C ALA A 105 -15.06 -6.46 -0.08
N LYS A 106 -15.55 -5.57 0.78
CA LYS A 106 -16.29 -4.41 0.29
C LYS A 106 -15.72 -3.15 0.93
N CYS A 107 -16.12 -1.99 0.43
CA CYS A 107 -15.60 -0.75 0.96
C CYS A 107 -16.62 0.36 0.89
N ARG A 108 -16.59 1.24 1.88
CA ARG A 108 -17.54 2.38 1.92
C ARG A 108 -16.90 3.70 1.51
N GLY A 109 -15.90 3.64 0.65
CA GLY A 109 -15.15 4.82 0.24
C GLY A 109 -13.81 4.89 0.96
N TYR A 110 -13.30 6.10 1.14
CA TYR A 110 -11.95 6.20 1.68
C TYR A 110 -11.76 7.54 2.32
N ARG A 111 -10.63 7.68 3.00
CA ARG A 111 -10.27 8.93 3.65
C ARG A 111 -8.84 9.22 3.27
N GLU A 112 -8.54 10.49 3.04
CA GLU A 112 -7.20 10.95 2.72
C GLU A 112 -6.52 11.62 3.95
N ILE A 113 -5.24 11.32 4.15
CA ILE A 113 -4.45 11.96 5.21
C ILE A 113 -4.12 13.38 4.68
N PRO A 114 -4.21 14.41 5.55
CA PRO A 114 -3.85 15.77 5.13
C PRO A 114 -2.45 15.81 4.50
N GLU A 115 -2.30 16.49 3.37
CA GLU A 115 -1.05 16.43 2.61
C GLU A 115 0.18 16.85 3.41
N GLY A 116 1.19 15.99 3.48
CA GLY A 116 2.46 16.31 4.12
C GLY A 116 2.47 16.16 5.62
N ASN A 117 1.36 15.72 6.18
CA ASN A 117 1.24 15.70 7.61
C ASN A 117 1.60 14.30 8.15
N GLU A 118 2.84 14.13 8.55
CA GLU A 118 3.30 12.86 9.08
C GLU A 118 2.71 12.53 10.43
N LYS A 119 2.30 13.54 11.19
CA LYS A 119 1.65 13.23 12.48
C LYS A 119 0.27 12.62 12.27
N ALA A 120 -0.45 13.10 11.27
CA ALA A 120 -1.75 12.59 10.94
C ALA A 120 -1.59 11.20 10.38
N LEU A 121 -0.59 11.02 9.54
CA LEU A 121 -0.30 9.68 9.01
C LEU A 121 0.00 8.70 10.13
N LYS A 122 0.83 9.09 11.11
CA LYS A 122 1.09 8.24 12.27
C LYS A 122 -0.19 7.92 13.00
N ARG A 123 -1.05 8.90 13.18
CA ARG A 123 -2.31 8.69 13.88
C ARG A 123 -3.15 7.68 13.13
N ALA A 124 -3.24 7.84 11.82
CA ALA A 124 -4.02 6.95 10.98
C ALA A 124 -3.51 5.51 11.07
N VAL A 125 -2.20 5.35 10.98
CA VAL A 125 -1.64 4.01 11.07
C VAL A 125 -1.95 3.40 12.43
N ALA A 126 -1.82 4.17 13.49
CA ALA A 126 -2.10 3.66 14.83
C ALA A 126 -3.59 3.27 15.01
N ARG A 127 -4.50 4.12 14.56
CA ARG A 127 -5.93 3.94 14.82
C ARG A 127 -6.67 3.06 13.80
N VAL A 128 -6.24 3.12 12.55
CA VAL A 128 -7.04 2.52 11.47
C VAL A 128 -6.47 1.21 11.04
N GLY A 129 -5.16 1.20 10.73
CA GLY A 129 -4.44 0.01 10.30
C GLY A 129 -3.46 0.41 9.22
N PRO A 130 -3.02 -0.54 8.40
CA PRO A 130 -2.17 -0.21 7.23
C PRO A 130 -2.79 0.84 6.33
N VAL A 131 -1.97 1.79 5.89
CA VAL A 131 -2.41 2.94 5.10
C VAL A 131 -1.65 2.91 3.78
N SER A 132 -2.36 3.12 2.67
CA SER A 132 -1.69 3.23 1.37
C SER A 132 -0.94 4.55 1.26
N VAL A 133 0.31 4.51 0.79
CA VAL A 133 1.08 5.75 0.67
C VAL A 133 1.80 5.76 -0.69
N ALA A 134 2.13 6.95 -1.19
CA ALA A 134 2.92 7.02 -2.43
C ALA A 134 4.27 7.70 -2.09
N ILE A 135 5.35 7.28 -2.72
CA ILE A 135 6.67 7.82 -2.36
C ILE A 135 7.44 8.04 -3.62
N ASP A 136 8.56 8.76 -3.50
CA ASP A 136 9.55 8.74 -4.57
C ASP A 136 10.48 7.53 -4.40
N ALA A 137 10.33 6.53 -5.29
CA ALA A 137 11.14 5.33 -5.20
C ALA A 137 12.03 5.19 -6.43
N SER A 138 12.35 6.32 -7.05
CA SER A 138 13.07 6.34 -8.32
C SER A 138 14.57 6.27 -8.17
N LEU A 139 15.08 6.39 -6.95
CA LEU A 139 16.54 6.48 -6.78
C LEU A 139 17.24 5.15 -6.76
N THR A 140 18.51 5.16 -7.19
CA THR A 140 19.38 3.99 -7.06
C THR A 140 19.38 3.40 -5.65
N SER A 141 19.40 4.26 -4.65
CA SER A 141 19.50 3.80 -3.26
C SER A 141 18.27 2.97 -2.86
N PHE A 142 17.13 3.29 -3.46
CA PHE A 142 15.90 2.58 -3.11
C PHE A 142 15.94 1.22 -3.77
N GLN A 143 16.32 1.17 -5.05
CA GLN A 143 16.38 -0.09 -5.75
C GLN A 143 17.29 -1.06 -5.01
N PHE A 144 18.41 -0.54 -4.52
CA PHE A 144 19.36 -1.40 -3.85
C PHE A 144 19.31 -1.42 -2.31
N TYR A 145 18.19 -0.98 -1.74
CA TYR A 145 18.03 -1.01 -0.28
C TYR A 145 18.19 -2.40 0.29
N SER A 146 18.89 -2.49 1.42
CA SER A 146 19.04 -3.76 2.13
C SER A 146 18.55 -3.71 3.57
N LYS A 147 19.09 -2.80 4.38
CA LYS A 147 18.77 -2.78 5.82
C LYS A 147 18.85 -1.33 6.29
N GLY A 148 18.32 -1.05 7.49
CA GLY A 148 18.44 0.28 8.08
C GLY A 148 17.27 1.16 7.75
N VAL A 149 17.31 2.38 8.27
CA VAL A 149 16.25 3.32 8.03
C VAL A 149 16.62 4.08 6.79
N TYR A 150 15.85 3.87 5.73
CA TYR A 150 16.16 4.47 4.43
C TYR A 150 16.06 5.99 4.41
N TYR A 151 17.11 6.64 3.90
CA TYR A 151 17.11 8.07 3.80
C TYR A 151 18.09 8.40 2.68
N ASP A 152 17.57 9.07 1.65
CA ASP A 152 18.42 9.57 0.58
C ASP A 152 18.11 11.02 0.44
N GLU A 153 19.17 11.81 0.59
CA GLU A 153 19.18 13.26 0.48
C GLU A 153 18.55 13.79 -0.80
N SER A 154 18.58 12.98 -1.87
CA SER A 154 18.03 13.43 -3.15
C SER A 154 16.58 13.02 -3.36
N CYS A 155 15.95 12.43 -2.34
CA CYS A 155 14.55 12.01 -2.54
C CYS A 155 13.69 13.26 -2.80
N ASN A 156 12.71 13.15 -3.68
CA ASN A 156 11.98 14.32 -4.16
C ASN A 156 10.52 14.14 -3.80
N SER A 157 10.03 14.91 -2.85
CA SER A 157 8.72 14.63 -2.29
C SER A 157 7.59 14.99 -3.25
N ASP A 158 7.93 15.54 -4.43
CA ASP A 158 6.95 15.77 -5.48
C ASP A 158 7.03 14.78 -6.62
N ASN A 159 7.97 13.86 -6.52
CA ASN A 159 8.09 12.87 -7.56
C ASN A 159 7.49 11.57 -7.02
N LEU A 160 6.21 11.62 -6.66
CA LEU A 160 5.50 10.43 -6.21
C LEU A 160 5.34 9.48 -7.38
N ASN A 161 6.10 8.40 -7.42
CA ASN A 161 6.06 7.50 -8.56
C ASN A 161 5.81 6.04 -8.19
N HIS A 162 5.68 5.76 -6.89
CA HIS A 162 5.54 4.35 -6.48
C HIS A 162 4.62 4.22 -5.28
N ALA A 163 3.63 3.32 -5.35
CA ALA A 163 2.68 3.18 -4.25
C ALA A 163 3.07 1.98 -3.42
N VAL A 164 3.03 2.16 -2.10
CA VAL A 164 3.35 1.08 -1.19
C VAL A 164 2.45 1.11 0.01
N LEU A 165 2.74 0.26 1.01
CA LEU A 165 1.82 0.18 2.15
C LEU A 165 2.53 0.46 3.48
N ALA A 166 2.05 1.44 4.23
CA ALA A 166 2.59 1.69 5.57
C ALA A 166 1.90 0.75 6.54
N VAL A 167 2.64 -0.21 7.10
CA VAL A 167 2.03 -1.24 7.96
C VAL A 167 2.43 -1.00 9.41
N GLY A 168 3.15 0.09 9.67
CA GLY A 168 3.54 0.35 11.04
C GLY A 168 4.56 1.45 11.13
N TYR A 169 5.10 1.66 12.34
CA TYR A 169 6.15 2.65 12.53
C TYR A 169 6.91 2.28 13.78
N GLY A 170 8.11 2.81 13.93
CA GLY A 170 8.83 2.47 15.14
C GLY A 170 10.14 3.21 15.16
N ILE A 171 11.13 2.63 15.83
CA ILE A 171 12.38 3.35 15.94
C ILE A 171 13.48 2.30 15.99
N GLN A 172 14.55 2.54 15.23
CA GLN A 172 15.67 1.60 15.19
C GLN A 172 16.93 2.36 15.60
N LYS A 173 17.52 1.98 16.73
CA LYS A 173 18.70 2.65 17.26
C LYS A 173 18.49 4.17 17.32
N GLY A 174 17.32 4.61 17.76
CA GLY A 174 17.05 6.04 17.85
C GLY A 174 16.56 6.70 16.56
N ASN A 175 16.57 5.96 15.44
CA ASN A 175 16.11 6.55 14.17
C ASN A 175 14.65 6.18 13.90
N LYS A 176 13.79 7.17 13.83
CA LYS A 176 12.35 6.92 13.65
C LYS A 176 12.11 6.49 12.23
N HIS A 177 11.22 5.53 12.06
CA HIS A 177 10.91 5.01 10.74
C HIS A 177 9.41 4.68 10.53
N TRP A 178 9.04 4.56 9.26
CA TRP A 178 7.81 3.92 8.84
C TRP A 178 8.15 2.53 8.38
N ILE A 179 7.29 1.55 8.66
CA ILE A 179 7.53 0.17 8.18
C ILE A 179 6.71 0.03 6.91
N ILE A 180 7.40 -0.17 5.79
CA ILE A 180 6.77 -0.12 4.47
C ILE A 180 6.80 -1.46 3.79
N LYS A 181 5.63 -1.99 3.42
CA LYS A 181 5.50 -3.15 2.56
C LYS A 181 5.55 -2.76 1.07
N ASN A 182 6.51 -3.32 0.33
CA ASN A 182 6.62 -3.08 -1.09
C ASN A 182 6.03 -4.28 -1.83
N SER A 183 5.94 -4.19 -3.14
CA SER A 183 5.38 -5.26 -3.94
C SER A 183 6.37 -5.73 -5.00
N TRP A 184 7.65 -5.70 -4.67
CA TRP A 184 8.65 -6.12 -5.63
C TRP A 184 9.24 -7.47 -5.20
N GLY A 185 8.41 -8.30 -4.56
CA GLY A 185 8.85 -9.63 -4.18
C GLY A 185 9.73 -9.63 -2.94
N GLU A 186 10.06 -10.82 -2.44
CA GLU A 186 10.86 -10.97 -1.24
C GLU A 186 12.36 -10.74 -1.48
N ASN A 187 12.79 -10.87 -2.73
CA ASN A 187 14.20 -10.67 -3.05
C ASN A 187 14.66 -9.23 -3.11
N TRP A 188 13.73 -8.28 -2.99
CA TRP A 188 14.10 -6.88 -2.95
C TRP A 188 14.08 -6.46 -1.49
N GLY A 189 14.96 -5.52 -1.13
CA GLY A 189 14.89 -4.94 0.20
C GLY A 189 15.12 -5.95 1.30
N ASN A 190 14.46 -5.75 2.44
CA ASN A 190 14.64 -6.68 3.54
C ASN A 190 13.45 -7.62 3.54
N LYS A 191 13.57 -8.74 2.84
CA LYS A 191 12.41 -9.64 2.60
C LYS A 191 11.17 -8.92 2.11
N GLY A 192 11.39 -7.90 1.27
CA GLY A 192 10.31 -7.20 0.60
C GLY A 192 9.87 -5.94 1.31
N TYR A 193 10.47 -5.64 2.46
CA TYR A 193 10.09 -4.50 3.25
C TYR A 193 11.20 -3.46 3.24
N ILE A 194 10.84 -2.23 3.56
CA ILE A 194 11.82 -1.16 3.76
C ILE A 194 11.40 -0.31 4.97
N LEU A 195 12.36 0.10 5.82
CA LEU A 195 12.10 1.08 6.87
C LEU A 195 12.51 2.43 6.28
N MET A 196 11.56 3.36 6.28
CA MET A 196 11.79 4.67 5.66
C MET A 196 11.77 5.76 6.72
N ALA A 197 12.67 6.72 6.61
CA ALA A 197 12.79 7.78 7.62
C ALA A 197 11.46 8.47 7.94
N ARG A 198 11.17 8.57 9.23
CA ARG A 198 9.97 9.23 9.71
C ARG A 198 10.36 10.49 10.48
N ASN A 199 9.54 11.53 10.35
CA ASN A 199 9.76 12.84 10.94
C ASN A 199 11.06 13.46 10.47
N LYS A 200 11.38 13.24 9.20
CA LYS A 200 12.56 13.77 8.59
C LYS A 200 12.13 14.63 7.42
N ASN A 201 11.32 15.61 7.75
CA ASN A 201 10.75 16.51 6.75
C ASN A 201 10.05 15.81 5.60
N ASN A 202 9.17 14.86 5.92
CA ASN A 202 8.32 14.22 4.91
C ASN A 202 9.15 13.57 3.81
N ALA A 203 10.18 12.84 4.24
CA ALA A 203 11.18 12.29 3.31
C ALA A 203 10.51 11.40 2.28
N CYS A 204 10.90 11.62 1.01
CA CYS A 204 10.38 10.92 -0.16
C CYS A 204 8.89 11.15 -0.37
N GLY A 205 8.31 12.16 0.30
CA GLY A 205 6.89 12.48 0.14
C GLY A 205 5.91 11.50 0.79
N ILE A 206 6.42 10.68 1.70
CA ILE A 206 5.64 9.66 2.39
C ILE A 206 4.20 10.07 2.74
N ALA A 207 4.04 11.29 3.26
CA ALA A 207 2.73 11.76 3.66
C ALA A 207 2.08 12.70 2.65
N ASN A 208 2.45 12.59 1.38
CA ASN A 208 1.81 13.47 0.40
C ASN A 208 0.60 12.89 -0.31
N LEU A 209 0.47 11.57 -0.29
CA LEU A 209 -0.65 10.97 -1.01
C LEU A 209 -1.07 9.69 -0.31
N ALA A 210 -1.45 9.84 0.97
CA ALA A 210 -1.79 8.73 1.84
C ALA A 210 -3.30 8.63 1.92
N SER A 211 -3.81 7.41 1.89
CA SER A 211 -5.25 7.19 2.01
C SER A 211 -5.57 5.81 2.57
N PHE A 212 -6.79 5.64 3.07
CA PHE A 212 -7.19 4.33 3.58
C PHE A 212 -8.66 4.11 3.25
N PRO A 213 -9.04 2.85 3.00
CA PRO A 213 -10.45 2.58 2.71
C PRO A 213 -11.28 2.52 3.99
N LYS A 214 -12.55 2.92 3.91
CA LYS A 214 -13.44 2.73 5.05
C LYS A 214 -14.19 1.42 4.86
N MET A 215 -14.40 0.68 5.95
CA MET A 215 -15.13 -0.57 5.85
C MET A 215 -16.11 -0.63 7.02
#